data_4OE9
#
_entry.id   4OE9
#
_cell.length_a   28.490
_cell.length_b   35.580
_cell.length_c   54.300
_cell.angle_alpha   104.03
_cell.angle_beta   93.30
_cell.angle_gamma   91.11
#
_symmetry.space_group_name_H-M   'P 1'
#
loop_
_entity.id
_entity.type
_entity.pdbx_description
1 polymer 'COMM domain-containing protein 9'
2 non-polymer 'CITRIC ACID'
3 non-polymer 'POTASSIUM ION'
4 water water
#
_entity_poly.entity_id   1
_entity_poly.type   'polypeptide(L)'
_entity_poly.pdbx_seq_one_letter_code
;(MSE)SGA(MSE)AALTAEHFAALQSLLKASSKDVVRQLCQESFSSSALGLKKLLDVTCSSLSVTQEEAEELLQALHR
(MSE)TRLVAFRDLSSAEAILALFPENFHQNLKNLLTKI(MSE)LEHVSTWRTEAQANQ
;
_entity_poly.pdbx_strand_id   A,B
#
# COMPACT_ATOMS: atom_id res chain seq x y z
N SER A 2 -20.72 -13.17 10.38
CA SER A 2 -21.50 -13.00 9.17
C SER A 2 -21.20 -11.63 8.52
N GLY A 3 -21.81 -11.39 7.37
CA GLY A 3 -21.58 -10.16 6.64
C GLY A 3 -20.21 -10.15 5.98
N ALA A 4 -19.54 -11.29 5.96
CA ALA A 4 -18.20 -11.38 5.38
C ALA A 4 -18.16 -10.91 3.94
N ALA A 6 -20.11 -8.56 2.73
CA ALA A 6 -20.54 -7.16 2.69
C ALA A 6 -19.40 -6.19 2.39
N ALA A 7 -18.22 -6.48 2.87
CA ALA A 7 -17.14 -5.51 2.79
C ALA A 7 -15.82 -6.13 3.14
N LEU A 8 -14.78 -5.57 2.53
CA LEU A 8 -13.45 -5.78 3.02
C LEU A 8 -13.23 -4.74 4.14
N THR A 9 -12.48 -5.18 5.15
CA THR A 9 -12.22 -4.38 6.34
C THR A 9 -10.98 -3.53 6.14
N ALA A 10 -10.77 -2.58 7.05
CA ALA A 10 -9.54 -1.79 7.05
C ALA A 10 -8.31 -2.68 7.10
N GLU A 11 -8.33 -3.73 7.93
CA GLU A 11 -7.20 -4.65 8.01
C GLU A 11 -6.96 -5.39 6.68
N HIS A 12 -8.03 -5.76 5.99
CA HIS A 12 -7.91 -6.37 4.66
C HIS A 12 -7.19 -5.45 3.70
N PHE A 13 -7.65 -4.21 3.60
CA PHE A 13 -7.04 -3.29 2.66
C PHE A 13 -5.61 -2.98 3.02
N ALA A 14 -5.31 -2.87 4.31
CA ALA A 14 -3.95 -2.63 4.72
C ALA A 14 -3.05 -3.80 4.30
N ALA A 15 -3.55 -5.02 4.44
CA ALA A 15 -2.80 -6.21 4.10
C ALA A 15 -2.56 -6.36 2.62
N LEU A 16 -3.54 -5.99 1.80
CA LEU A 16 -3.37 -6.10 0.37
C LEU A 16 -2.22 -5.26 -0.17
N GLN A 17 -1.91 -4.18 0.53
CA GLN A 17 -0.82 -3.31 0.13
C GLN A 17 0.54 -4.03 0.15
N SER A 18 0.66 -5.11 0.89
CA SER A 18 1.89 -5.91 0.84
C SER A 18 2.20 -6.42 -0.58
N LEU A 19 1.19 -6.50 -1.44
CA LEU A 19 1.44 -6.94 -2.84
C LEU A 19 2.36 -6.01 -3.62
N LEU A 20 2.50 -4.77 -3.16
CA LEU A 20 3.46 -3.85 -3.77
C LEU A 20 4.90 -4.30 -3.60
N LYS A 21 5.13 -5.32 -2.78
CA LYS A 21 6.47 -5.89 -2.64
C LYS A 21 6.72 -6.97 -3.67
N ALA A 22 5.72 -7.33 -4.45
CA ALA A 22 5.87 -8.43 -5.41
C ALA A 22 6.84 -8.06 -6.50
N SER A 23 7.60 -9.05 -6.93
CA SER A 23 8.63 -8.81 -7.94
CA SER A 23 8.62 -8.79 -7.94
C SER A 23 8.05 -8.79 -9.36
N SER A 24 6.82 -9.29 -9.52
CA SER A 24 6.14 -9.24 -10.80
C SER A 24 4.66 -9.30 -10.63
N LYS A 25 3.95 -8.84 -11.64
CA LYS A 25 2.49 -8.93 -11.67
C LYS A 25 2.03 -10.38 -11.66
N ASP A 26 2.82 -11.27 -12.25
CA ASP A 26 2.45 -12.66 -12.27
C ASP A 26 2.37 -13.25 -10.87
N VAL A 27 3.24 -12.82 -9.96
CA VAL A 27 3.16 -13.29 -8.58
C VAL A 27 1.81 -12.89 -7.97
N VAL A 28 1.36 -11.68 -8.26
CA VAL A 28 0.09 -11.22 -7.73
C VAL A 28 -1.05 -12.09 -8.30
N ARG A 29 -1.02 -12.33 -9.60
CA ARG A 29 -2.00 -13.21 -10.23
C ARG A 29 -2.07 -14.57 -9.56
N GLN A 30 -0.93 -15.19 -9.34
CA GLN A 30 -0.93 -16.53 -8.79
C GLN A 30 -1.40 -16.53 -7.34
N LEU A 31 -1.06 -15.48 -6.60
CA LEU A 31 -1.53 -15.41 -5.23
C LEU A 31 -3.05 -15.23 -5.17
N CYS A 32 -3.60 -14.48 -6.10
CA CYS A 32 -5.06 -14.33 -6.17
C CYS A 32 -5.74 -15.68 -6.44
N GLN A 33 -5.21 -16.42 -7.43
CA GLN A 33 -5.78 -17.71 -7.78
C GLN A 33 -5.65 -18.75 -6.66
N GLU A 34 -4.48 -18.84 -6.05
CA GLU A 34 -4.29 -19.78 -4.94
C GLU A 34 -5.16 -19.41 -3.73
N SER A 35 -5.33 -18.11 -3.46
CA SER A 35 -6.10 -17.67 -2.31
C SER A 35 -7.58 -17.97 -2.51
N PHE A 36 -8.05 -17.86 -3.75
CA PHE A 36 -9.43 -18.22 -4.08
C PHE A 36 -9.70 -19.71 -3.88
N SER A 37 -8.83 -20.54 -4.45
CA SER A 37 -9.02 -21.99 -4.43
CA SER A 37 -9.02 -21.98 -4.43
C SER A 37 -8.92 -22.57 -3.02
N SER A 38 -8.04 -22.02 -2.21
CA SER A 38 -7.86 -22.44 -0.84
C SER A 38 -9.04 -22.11 0.04
N SER A 39 -9.35 -22.99 0.99
N SER A 39 -9.34 -22.99 0.99
CA SER A 39 -10.19 -22.58 2.10
CA SER A 39 -10.18 -22.63 2.10
C SER A 39 -9.42 -21.60 2.96
C SER A 39 -9.43 -21.64 2.98
N ALA A 40 -10.16 -20.83 3.74
CA ALA A 40 -9.53 -19.94 4.69
C ALA A 40 -8.61 -20.73 5.65
N LEU A 41 -9.08 -21.89 6.10
CA LEU A 41 -8.29 -22.62 7.06
C LEU A 41 -7.09 -23.30 6.39
N GLY A 42 -7.10 -23.39 5.06
CA GLY A 42 -5.99 -23.97 4.31
C GLY A 42 -4.96 -22.96 3.84
N LEU A 43 -5.19 -21.66 4.12
CA LEU A 43 -4.27 -20.62 3.64
C LEU A 43 -2.89 -20.77 4.26
N LYS A 44 -2.80 -21.41 5.42
CA LYS A 44 -1.49 -21.61 6.06
C LYS A 44 -0.53 -22.41 5.16
N LYS A 45 -1.07 -23.21 4.26
CA LYS A 45 -0.25 -23.98 3.32
C LYS A 45 0.51 -23.08 2.36
N LEU A 46 0.06 -21.83 2.20
CA LEU A 46 0.69 -20.89 1.24
C LEU A 46 1.65 -19.91 1.91
N LEU A 47 1.83 -20.04 3.22
CA LEU A 47 2.59 -19.05 3.99
C LEU A 47 4.06 -18.99 3.57
N ASP A 48 4.70 -20.14 3.44
CA ASP A 48 6.12 -20.18 3.14
C ASP A 48 6.40 -19.55 1.79
N VAL A 49 5.66 -19.93 0.75
CA VAL A 49 5.92 -19.41 -0.59
C VAL A 49 5.57 -17.92 -0.64
N THR A 50 4.57 -17.50 0.12
CA THR A 50 4.18 -16.09 0.15
C THR A 50 5.24 -15.24 0.82
N CYS A 51 5.66 -15.65 2.03
CA CYS A 51 6.76 -14.99 2.71
C CYS A 51 8.02 -14.93 1.84
N SER A 52 8.34 -16.05 1.22
CA SER A 52 9.60 -16.18 0.47
C SER A 52 9.56 -15.40 -0.84
N SER A 53 8.39 -15.27 -1.46
CA SER A 53 8.28 -14.55 -2.72
CA SER A 53 8.27 -14.55 -2.72
C SER A 53 8.19 -13.04 -2.53
N LEU A 54 7.50 -12.59 -1.47
CA LEU A 54 7.31 -11.16 -1.24
C LEU A 54 8.27 -10.56 -0.23
N SER A 55 9.02 -11.41 0.45
CA SER A 55 9.89 -10.99 1.54
C SER A 55 9.10 -10.23 2.59
N VAL A 56 8.04 -10.88 3.06
CA VAL A 56 7.21 -10.33 4.13
C VAL A 56 7.26 -11.24 5.35
N THR A 57 6.79 -10.72 6.48
CA THR A 57 6.70 -11.49 7.71
C THR A 57 5.58 -12.50 7.61
N GLN A 58 5.60 -13.51 8.47
CA GLN A 58 4.55 -14.53 8.50
C GLN A 58 3.19 -13.88 8.73
N GLU A 59 3.16 -12.86 9.57
CA GLU A 59 1.91 -12.17 9.88
C GLU A 59 1.39 -11.38 8.68
N GLU A 60 2.29 -10.67 8.00
CA GLU A 60 1.93 -9.97 6.77
C GLU A 60 1.37 -10.95 5.76
N ALA A 61 2.00 -12.11 5.64
CA ALA A 61 1.56 -13.09 4.65
C ALA A 61 0.20 -13.63 4.99
N GLU A 62 -0.01 -13.96 6.27
CA GLU A 62 -1.30 -14.51 6.69
C GLU A 62 -2.43 -13.50 6.43
N GLU A 63 -2.21 -12.26 6.83
CA GLU A 63 -3.19 -11.20 6.65
C GLU A 63 -3.47 -10.96 5.16
N LEU A 64 -2.42 -10.96 4.36
CA LEU A 64 -2.58 -10.81 2.91
C LEU A 64 -3.41 -11.95 2.31
N LEU A 65 -3.09 -13.18 2.70
CA LEU A 65 -3.77 -14.31 2.13
C LEU A 65 -5.23 -14.30 2.54
N GLN A 66 -5.51 -13.92 3.78
CA GLN A 66 -6.91 -13.80 4.22
C GLN A 66 -7.65 -12.75 3.43
N ALA A 67 -6.97 -11.64 3.15
CA ALA A 67 -7.59 -10.56 2.39
C ALA A 67 -7.90 -10.97 0.96
N LEU A 68 -6.93 -11.62 0.29
CA LEU A 68 -7.15 -12.06 -1.07
C LEU A 68 -8.24 -13.13 -1.13
N HIS A 69 -8.21 -14.06 -0.17
CA HIS A 69 -9.25 -15.07 -0.13
C HIS A 69 -10.63 -14.41 -0.01
N ARG A 70 -10.76 -13.41 0.86
CA ARG A 70 -12.04 -12.75 1.03
C ARG A 70 -12.45 -11.99 -0.23
N THR A 72 -11.51 -12.37 -3.46
CA THR A 72 -11.83 -13.18 -4.60
C THR A 72 -13.14 -13.92 -4.36
N ARG A 73 -13.39 -14.40 -3.15
CA ARG A 73 -14.66 -15.07 -2.90
C ARG A 73 -15.83 -14.09 -2.98
N LEU A 74 -15.63 -12.86 -2.53
CA LEU A 74 -16.67 -11.86 -2.58
C LEU A 74 -17.00 -11.49 -4.03
N VAL A 75 -15.98 -11.37 -4.85
CA VAL A 75 -16.15 -11.06 -6.26
C VAL A 75 -16.94 -12.17 -6.93
N ALA A 76 -16.59 -13.42 -6.63
CA ALA A 76 -17.32 -14.57 -7.16
C ALA A 76 -18.76 -14.64 -6.66
N PHE A 77 -18.96 -14.44 -5.37
CA PHE A 77 -20.27 -14.59 -4.74
C PHE A 77 -21.24 -13.53 -5.24
N ARG A 78 -20.75 -12.31 -5.39
CA ARG A 78 -21.58 -11.18 -5.82
C ARG A 78 -21.55 -10.96 -7.33
N ASP A 79 -20.80 -11.80 -8.05
CA ASP A 79 -20.64 -11.68 -9.49
C ASP A 79 -20.26 -10.26 -9.89
N LEU A 80 -19.15 -9.77 -9.33
CA LEU A 80 -18.66 -8.45 -9.66
C LEU A 80 -17.83 -8.57 -10.92
N SER A 81 -18.47 -8.31 -12.07
CA SER A 81 -17.92 -8.70 -13.34
C SER A 81 -17.65 -7.55 -14.29
N SER A 82 -17.69 -6.34 -13.76
CA SER A 82 -17.25 -5.14 -14.48
C SER A 82 -16.23 -4.41 -13.65
N ALA A 83 -15.40 -3.58 -14.26
CA ALA A 83 -14.45 -2.80 -13.46
C ALA A 83 -15.21 -1.91 -12.49
N GLU A 84 -16.32 -1.35 -12.93
CA GLU A 84 -17.17 -0.50 -12.08
C GLU A 84 -17.54 -1.20 -10.77
N ALA A 85 -17.96 -2.44 -10.88
CA ALA A 85 -18.45 -3.20 -9.73
C ALA A 85 -17.35 -3.52 -8.75
N ILE A 86 -16.16 -3.77 -9.26
CA ILE A 86 -15.02 -4.14 -8.43
C ILE A 86 -14.40 -2.89 -7.80
N LEU A 87 -14.24 -1.84 -8.60
CA LEU A 87 -13.68 -0.58 -8.10
C LEU A 87 -14.45 -0.04 -6.92
N ALA A 88 -15.75 -0.35 -6.90
CA ALA A 88 -16.66 0.13 -5.85
C ALA A 88 -16.27 -0.38 -4.48
N LEU A 89 -15.54 -1.48 -4.42
CA LEU A 89 -15.11 -2.04 -3.14
C LEU A 89 -14.06 -1.22 -2.42
N PHE A 90 -13.31 -0.41 -3.15
CA PHE A 90 -12.06 0.15 -2.64
C PHE A 90 -12.20 1.53 -2.03
N PRO A 91 -11.37 1.82 -1.03
CA PRO A 91 -11.19 3.18 -0.49
C PRO A 91 -10.44 4.09 -1.43
N GLU A 92 -10.68 5.40 -1.36
CA GLU A 92 -9.93 6.36 -2.16
CA GLU A 92 -9.94 6.37 -2.17
C GLU A 92 -8.45 6.41 -1.80
N ASN A 93 -8.10 6.00 -0.57
CA ASN A 93 -6.71 6.09 -0.12
C ASN A 93 -5.93 4.79 -0.26
N PHE A 94 -6.38 3.96 -1.19
CA PHE A 94 -5.71 2.73 -1.58
C PHE A 94 -4.98 2.93 -2.89
N HIS A 95 -3.71 2.50 -2.93
CA HIS A 95 -2.84 2.65 -4.09
C HIS A 95 -3.54 2.39 -5.42
N GLN A 96 -3.53 3.39 -6.30
CA GLN A 96 -4.35 3.32 -7.49
C GLN A 96 -3.91 2.24 -8.46
N ASN A 97 -2.63 2.12 -8.77
CA ASN A 97 -2.26 1.12 -9.75
C ASN A 97 -2.34 -0.30 -9.18
N LEU A 98 -2.15 -0.49 -7.89
CA LEU A 98 -2.40 -1.81 -7.32
C LEU A 98 -3.89 -2.16 -7.40
N LYS A 99 -4.77 -1.22 -7.05
CA LYS A 99 -6.20 -1.42 -7.24
C LYS A 99 -6.52 -1.80 -8.69
N ASN A 100 -5.95 -1.07 -9.64
CA ASN A 100 -6.24 -1.34 -11.04
C ASN A 100 -5.77 -2.76 -11.43
N LEU A 101 -4.62 -3.17 -10.92
CA LEU A 101 -4.10 -4.50 -11.19
C LEU A 101 -5.02 -5.56 -10.59
N LEU A 102 -5.40 -5.38 -9.33
CA LEU A 102 -6.31 -6.33 -8.72
C LEU A 102 -7.62 -6.42 -9.48
N THR A 103 -8.14 -5.28 -9.91
CA THR A 103 -9.36 -5.27 -10.69
C THR A 103 -9.19 -6.06 -11.99
N LYS A 104 -8.09 -5.84 -12.68
CA LYS A 104 -7.77 -6.59 -13.88
C LYS A 104 -7.76 -8.09 -13.63
N ILE A 105 -7.09 -8.51 -12.57
CA ILE A 105 -7.00 -9.93 -12.25
C ILE A 105 -8.37 -10.50 -11.87
N LEU A 107 -11.17 -9.56 -13.00
CA LEU A 107 -11.92 -9.67 -14.24
C LEU A 107 -11.45 -10.84 -15.09
N GLU A 108 -10.18 -11.19 -14.98
CA GLU A 108 -9.64 -12.32 -15.72
C GLU A 108 -10.23 -13.64 -15.25
N HIS A 109 -10.72 -13.69 -14.00
CA HIS A 109 -11.17 -14.96 -13.43
C HIS A 109 -12.64 -15.04 -12.98
N VAL A 110 -13.33 -13.91 -12.86
CA VAL A 110 -14.62 -13.92 -12.15
C VAL A 110 -15.64 -14.89 -12.76
N SER A 111 -15.66 -15.04 -14.08
CA SER A 111 -16.63 -15.93 -14.69
C SER A 111 -16.43 -17.38 -14.24
N THR A 112 -15.18 -17.83 -14.26
CA THR A 112 -14.83 -19.19 -13.83
C THR A 112 -15.03 -19.34 -12.34
N TRP A 113 -14.61 -18.33 -11.60
CA TRP A 113 -14.72 -18.39 -10.14
C TRP A 113 -16.17 -18.43 -9.72
N ARG A 114 -16.99 -17.59 -10.34
CA ARG A 114 -18.40 -17.54 -9.98
C ARG A 114 -19.05 -18.89 -10.23
N THR A 115 -18.67 -19.55 -11.31
CA THR A 115 -19.23 -20.85 -11.61
C THR A 115 -18.81 -21.87 -10.55
N GLU A 116 -17.52 -21.89 -10.25
CA GLU A 116 -16.97 -22.83 -9.27
C GLU A 116 -17.61 -22.63 -7.89
N ALA A 117 -17.80 -21.37 -7.50
CA ALA A 117 -18.32 -21.06 -6.18
C ALA A 117 -19.82 -21.31 -6.10
N GLN A 118 -20.54 -20.88 -7.14
CA GLN A 118 -22.00 -20.99 -7.18
C GLN A 118 -22.45 -22.45 -7.31
N ALA A 119 -21.54 -23.32 -7.71
CA ALA A 119 -21.82 -24.76 -7.76
C ALA A 119 -21.72 -25.37 -6.36
N ASN A 120 -21.17 -24.60 -5.42
CA ASN A 120 -20.91 -25.08 -4.07
C ASN A 120 -21.32 -24.05 -3.01
N ALA B 6 -2.18 22.51 6.98
CA ALA B 6 -1.43 21.37 6.46
C ALA B 6 -2.14 20.04 6.68
N ALA B 7 -2.53 19.38 5.58
CA ALA B 7 -3.28 18.14 5.65
C ALA B 7 -3.03 17.20 4.47
N LEU B 8 -3.02 15.91 4.77
CA LEU B 8 -2.81 14.90 3.77
C LEU B 8 -4.13 14.44 3.14
N THR B 9 -4.16 14.34 1.81
CA THR B 9 -5.34 13.86 1.10
C THR B 9 -5.35 12.32 0.98
N ALA B 10 -6.50 11.77 0.63
CA ALA B 10 -6.57 10.32 0.37
C ALA B 10 -5.58 9.93 -0.71
N GLU B 11 -5.45 10.77 -1.74
CA GLU B 11 -4.52 10.51 -2.83
C GLU B 11 -3.06 10.47 -2.33
N HIS B 12 -2.73 11.34 -1.40
CA HIS B 12 -1.40 11.32 -0.78
C HIS B 12 -1.14 9.99 -0.09
N PHE B 13 -2.09 9.52 0.70
CA PHE B 13 -1.88 8.26 1.42
C PHE B 13 -1.76 7.11 0.45
N ALA B 14 -2.58 7.11 -0.59
CA ALA B 14 -2.49 6.08 -1.62
C ALA B 14 -1.09 6.11 -2.23
N ALA B 15 -0.57 7.30 -2.50
CA ALA B 15 0.69 7.43 -3.20
C ALA B 15 1.88 7.02 -2.34
N LEU B 16 1.78 7.24 -1.04
CA LEU B 16 2.83 6.81 -0.12
C LEU B 16 3.07 5.32 -0.19
N GLN B 17 2.04 4.56 -0.54
CA GLN B 17 2.18 3.11 -0.57
C GLN B 17 3.16 2.64 -1.65
N SER B 18 3.48 3.48 -2.63
CA SER B 18 4.52 3.14 -3.60
C SER B 18 5.87 2.87 -2.94
N LEU B 19 6.08 3.39 -1.74
CA LEU B 19 7.36 3.16 -1.06
C LEU B 19 7.60 1.69 -0.77
N LEU B 20 6.54 0.86 -0.78
CA LEU B 20 6.69 -0.57 -0.57
C LEU B 20 7.47 -1.25 -1.69
N LYS B 21 7.65 -0.52 -2.79
CA LYS B 21 8.45 -1.00 -3.92
C LYS B 21 9.95 -0.79 -3.73
N ALA B 22 10.34 -0.07 -2.68
CA ALA B 22 11.73 0.28 -2.48
C ALA B 22 12.59 -0.96 -2.18
N SER B 23 13.83 -0.94 -2.67
CA SER B 23 14.74 -2.03 -2.41
C SER B 23 15.49 -1.89 -1.08
N SER B 24 15.36 -0.75 -0.42
CA SER B 24 16.00 -0.57 0.89
C SER B 24 15.31 0.49 1.68
N LYS B 25 15.48 0.45 3.00
CA LYS B 25 15.02 1.52 3.86
C LYS B 25 15.83 2.80 3.63
N ASP B 26 17.07 2.67 3.17
CA ASP B 26 17.88 3.84 2.88
C ASP B 26 17.23 4.76 1.86
N VAL B 27 16.63 4.21 0.80
CA VAL B 27 16.09 5.12 -0.20
CA VAL B 27 16.05 5.10 -0.21
C VAL B 27 14.84 5.82 0.39
N VAL B 28 14.10 5.13 1.25
CA VAL B 28 12.95 5.74 1.90
C VAL B 28 13.40 6.89 2.79
N ARG B 29 14.46 6.68 3.54
CA ARG B 29 15.01 7.75 4.36
C ARG B 29 15.41 8.96 3.52
N GLN B 30 16.08 8.72 2.41
CA GLN B 30 16.50 9.81 1.55
C GLN B 30 15.30 10.54 0.97
N LEU B 31 14.32 9.80 0.51
CA LEU B 31 13.14 10.44 -0.06
C LEU B 31 12.43 11.32 0.99
N CYS B 32 12.36 10.86 2.24
CA CYS B 32 11.76 11.67 3.28
C CYS B 32 12.53 12.98 3.50
N GLN B 33 13.85 12.89 3.63
CA GLN B 33 14.64 14.07 3.91
CA GLN B 33 14.65 14.08 3.91
C GLN B 33 14.62 15.05 2.73
N GLU B 34 14.74 14.52 1.52
CA GLU B 34 14.75 15.40 0.36
C GLU B 34 13.39 16.04 0.12
N SER B 35 12.33 15.31 0.40
CA SER B 35 11.00 15.88 0.24
C SER B 35 10.72 16.96 1.27
N PHE B 36 11.26 16.80 2.48
CA PHE B 36 11.15 17.86 3.47
C PHE B 36 11.88 19.14 3.07
N SER B 37 13.10 18.97 2.61
CA SER B 37 13.99 20.10 2.35
C SER B 37 13.55 20.91 1.15
N SER B 38 13.07 20.20 0.15
CA SER B 38 12.58 20.78 -1.08
C SER B 38 11.33 21.61 -0.86
N SER B 39 11.20 22.70 -1.61
CA SER B 39 9.90 23.32 -1.76
CA SER B 39 9.90 23.33 -1.75
C SER B 39 8.97 22.42 -2.54
N ALA B 40 7.67 22.59 -2.39
CA ALA B 40 6.74 21.81 -3.18
C ALA B 40 7.00 22.04 -4.68
N LEU B 41 7.24 23.30 -5.08
CA LEU B 41 7.51 23.53 -6.50
C LEU B 41 8.85 22.97 -6.95
N GLY B 42 9.74 22.68 -6.01
CA GLY B 42 11.03 22.12 -6.32
C GLY B 42 11.06 20.60 -6.39
N LEU B 43 9.96 19.95 -6.06
CA LEU B 43 9.93 18.48 -6.01
C LEU B 43 10.19 17.86 -7.37
N LYS B 44 9.90 18.60 -8.45
CA LYS B 44 10.15 18.12 -9.80
C LYS B 44 11.61 17.69 -9.98
N LYS B 45 12.51 18.31 -9.22
CA LYS B 45 13.94 17.98 -9.28
C LYS B 45 14.23 16.55 -8.83
N LEU B 46 13.29 15.94 -8.09
CA LEU B 46 13.45 14.61 -7.55
C LEU B 46 12.71 13.54 -8.35
N LEU B 47 12.02 13.93 -9.40
CA LEU B 47 11.18 12.99 -10.15
C LEU B 47 12.00 11.87 -10.79
N ASP B 48 13.08 12.22 -11.46
CA ASP B 48 13.82 11.20 -12.23
C ASP B 48 14.35 10.12 -11.29
N VAL B 49 14.94 10.51 -10.18
CA VAL B 49 15.50 9.53 -9.25
C VAL B 49 14.41 8.74 -8.52
N THR B 50 13.28 9.37 -8.25
CA THR B 50 12.18 8.67 -7.60
C THR B 50 11.61 7.64 -8.55
N CYS B 51 11.33 8.06 -9.78
CA CYS B 51 10.82 7.12 -10.79
C CYS B 51 11.73 5.93 -10.99
N SER B 52 13.02 6.20 -11.15
CA SER B 52 13.95 5.14 -11.48
C SER B 52 14.22 4.24 -10.26
N SER B 53 14.25 4.81 -9.06
CA SER B 53 14.58 4.00 -7.90
C SER B 53 13.43 3.06 -7.52
N LEU B 54 12.19 3.53 -7.66
CA LEU B 54 11.02 2.73 -7.30
C LEU B 54 10.31 2.04 -8.46
N SER B 55 10.76 2.31 -9.67
CA SER B 55 10.09 1.84 -10.90
C SER B 55 8.62 2.22 -10.91
N VAL B 56 8.38 3.51 -10.76
CA VAL B 56 7.05 4.09 -10.80
C VAL B 56 6.92 5.12 -11.94
N THR B 57 5.68 5.45 -12.26
CA THR B 57 5.43 6.46 -13.28
C THR B 57 5.72 7.85 -12.76
N GLN B 58 5.86 8.81 -13.67
CA GLN B 58 6.04 10.19 -13.26
C GLN B 58 4.92 10.67 -12.34
N GLU B 59 3.67 10.29 -12.63
CA GLU B 59 2.56 10.72 -11.78
C GLU B 59 2.65 10.08 -10.40
N GLU B 60 2.99 8.80 -10.35
CA GLU B 60 3.16 8.11 -9.06
C GLU B 60 4.23 8.79 -8.23
N ALA B 61 5.33 9.15 -8.90
CA ALA B 61 6.43 9.81 -8.21
C ALA B 61 6.03 11.20 -7.70
N GLU B 62 5.38 11.98 -8.56
CA GLU B 62 4.94 13.32 -8.19
C GLU B 62 4.03 13.27 -6.97
N GLU B 63 3.08 12.36 -6.97
CA GLU B 63 2.14 12.28 -5.87
C GLU B 63 2.81 11.79 -4.58
N LEU B 64 3.73 10.85 -4.73
CA LEU B 64 4.53 10.37 -3.59
C LEU B 64 5.35 11.50 -2.98
N LEU B 65 6.02 12.28 -3.83
CA LEU B 65 6.86 13.36 -3.34
C LEU B 65 6.01 14.43 -2.68
N GLN B 66 4.87 14.74 -3.28
CA GLN B 66 3.97 15.72 -2.67
C GLN B 66 3.48 15.23 -1.32
N ALA B 67 3.20 13.93 -1.21
CA ALA B 67 2.74 13.34 0.05
C ALA B 67 3.81 13.43 1.14
N LEU B 68 5.04 13.08 0.78
CA LEU B 68 6.12 13.11 1.73
C LEU B 68 6.45 14.52 2.16
N HIS B 69 6.41 15.44 1.21
CA HIS B 69 6.65 16.84 1.52
C HIS B 69 5.60 17.33 2.50
N ARG B 70 4.34 17.04 2.21
CA ARG B 70 3.28 17.46 3.11
C ARG B 70 3.39 16.85 4.50
N THR B 72 6.03 15.50 6.12
CA THR B 72 7.20 15.88 6.87
C THR B 72 7.04 17.33 7.32
N ARG B 73 6.48 18.18 6.46
CA ARG B 73 6.25 19.56 6.87
C ARG B 73 5.20 19.66 7.97
N LEU B 74 4.18 18.82 7.89
CA LEU B 74 3.14 18.77 8.90
C LEU B 74 3.70 18.40 10.27
N VAL B 75 4.48 17.33 10.31
CA VAL B 75 5.11 16.87 11.51
C VAL B 75 5.99 17.97 12.12
N ALA B 76 6.75 18.67 11.29
CA ALA B 76 7.65 19.71 11.79
C ALA B 76 6.89 20.93 12.28
N PHE B 77 5.94 21.41 11.49
CA PHE B 77 5.29 22.67 11.80
C PHE B 77 4.31 22.52 12.96
N ARG B 78 3.69 21.35 13.11
CA ARG B 78 2.77 21.16 14.22
C ARG B 78 3.39 20.43 15.39
N ASP B 79 4.71 20.24 15.32
CA ASP B 79 5.48 19.64 16.40
C ASP B 79 4.88 18.33 16.84
N LEU B 80 4.66 17.45 15.86
CA LEU B 80 4.19 16.10 16.15
C LEU B 80 5.41 15.24 16.45
N SER B 81 5.87 15.31 17.69
CA SER B 81 7.20 14.82 18.03
C SER B 81 7.19 13.52 18.83
N SER B 82 6.01 12.93 18.98
CA SER B 82 5.87 11.62 19.58
C SER B 82 5.41 10.61 18.55
N ALA B 83 5.79 9.36 18.73
CA ALA B 83 5.33 8.31 17.84
C ALA B 83 3.81 8.31 17.75
N GLU B 84 3.15 8.46 18.89
CA GLU B 84 1.68 8.44 18.92
C GLU B 84 1.06 9.53 18.05
N ALA B 85 1.59 10.76 18.10
CA ALA B 85 1.03 11.85 17.31
C ALA B 85 1.25 11.63 15.83
N ILE B 86 2.35 11.00 15.45
CA ILE B 86 2.63 10.76 14.04
C ILE B 86 1.77 9.59 13.54
N LEU B 87 1.75 8.50 14.30
CA LEU B 87 0.93 7.34 13.94
C LEU B 87 -0.52 7.74 13.73
N ALA B 88 -0.99 8.71 14.52
CA ALA B 88 -2.40 9.09 14.48
C ALA B 88 -2.79 9.75 13.17
N LEU B 89 -1.81 10.22 12.40
CA LEU B 89 -2.10 10.86 11.12
C LEU B 89 -2.62 9.87 10.08
N PHE B 90 -2.30 8.60 10.25
CA PHE B 90 -2.52 7.63 9.19
C PHE B 90 -3.91 7.03 9.26
N PRO B 91 -4.51 6.74 8.08
CA PRO B 91 -5.73 5.94 8.06
C PRO B 91 -5.54 4.56 8.67
N GLU B 92 -6.61 3.99 9.23
CA GLU B 92 -6.55 2.64 9.78
C GLU B 92 -6.25 1.58 8.73
N ASN B 93 -6.59 1.87 7.47
CA ASN B 93 -6.39 0.92 6.38
C ASN B 93 -5.05 1.08 5.66
N PHE B 94 -4.13 1.84 6.25
CA PHE B 94 -2.78 2.02 5.73
C PHE B 94 -1.85 0.93 6.25
N HIS B 95 -1.07 0.33 5.36
CA HIS B 95 -0.10 -0.74 5.66
C HIS B 95 0.63 -0.50 6.96
N GLN B 96 0.51 -1.43 7.90
CA GLN B 96 1.03 -1.17 9.24
C GLN B 96 2.55 -1.02 9.25
N ASN B 97 3.28 -1.92 8.59
CA ASN B 97 4.71 -1.85 8.71
C ASN B 97 5.29 -0.64 7.97
N LEU B 98 4.66 -0.23 6.87
CA LEU B 98 5.11 0.99 6.21
C LEU B 98 4.81 2.22 7.08
N LYS B 99 3.62 2.27 7.69
CA LYS B 99 3.32 3.34 8.63
C LYS B 99 4.38 3.40 9.73
N ASN B 100 4.73 2.24 10.26
CA ASN B 100 5.69 2.21 11.37
C ASN B 100 7.06 2.69 10.93
N LEU B 101 7.48 2.30 9.72
CA LEU B 101 8.76 2.73 9.18
C LEU B 101 8.79 4.24 8.96
N LEU B 102 7.76 4.77 8.33
CA LEU B 102 7.69 6.20 8.11
C LEU B 102 7.69 6.95 9.44
N THR B 103 6.98 6.43 10.44
CA THR B 103 6.96 7.04 11.75
C THR B 103 8.36 7.05 12.37
N LYS B 104 9.05 5.92 12.29
CA LYS B 104 10.44 5.84 12.78
C LYS B 104 11.31 6.88 12.13
N ILE B 105 11.23 7.01 10.81
CA ILE B 105 12.03 7.99 10.10
C ILE B 105 11.67 9.42 10.52
N LEU B 107 10.52 10.40 13.36
CA LEU B 107 11.08 10.60 14.70
C LEU B 107 12.57 10.85 14.66
N GLU B 108 13.25 10.26 13.68
CA GLU B 108 14.70 10.44 13.55
C GLU B 108 15.07 11.88 13.19
N HIS B 109 14.13 12.60 12.58
CA HIS B 109 14.41 13.95 12.06
C HIS B 109 13.62 15.07 12.67
N VAL B 110 12.55 14.77 13.41
CA VAL B 110 11.60 15.81 13.76
C VAL B 110 12.22 16.94 14.60
N SER B 111 13.15 16.62 15.50
CA SER B 111 13.73 17.68 16.33
C SER B 111 14.44 18.72 15.46
N THR B 112 15.19 18.25 14.47
CA THR B 112 15.88 19.17 13.54
C THR B 112 14.90 19.85 12.60
N TRP B 113 14.01 19.08 12.00
CA TRP B 113 13.03 19.67 11.08
C TRP B 113 12.19 20.77 11.76
N ARG B 114 11.80 20.55 12.99
CA ARG B 114 10.95 21.50 13.70
C ARG B 114 11.67 22.84 13.84
N THR B 115 12.95 22.77 14.20
CA THR B 115 13.75 23.97 14.39
C THR B 115 13.86 24.71 13.07
N GLU B 116 14.12 23.97 12.00
CA GLU B 116 14.25 24.58 10.69
C GLU B 116 12.95 25.20 10.21
N ALA B 117 11.85 24.48 10.37
CA ALA B 117 10.56 24.94 9.86
C ALA B 117 10.06 26.16 10.62
N GLN B 118 10.21 26.13 11.94
CA GLN B 118 9.66 27.20 12.78
C GLN B 118 10.58 28.42 12.80
N ALA B 119 11.84 28.24 12.40
CA ALA B 119 12.74 29.36 12.19
C ALA B 119 12.51 29.96 10.81
N ASN B 120 11.82 29.20 9.96
CA ASN B 120 11.69 29.48 8.54
C ASN B 120 13.04 29.28 7.83
#